data_7BXF
#
_entry.id   7BXF
#
_cell.length_a   136.998
_cell.length_b   81.229
_cell.length_c   54.253
_cell.angle_alpha   90.000
_cell.angle_beta   95.090
_cell.angle_gamma   90.000
#
_symmetry.space_group_name_H-M   'C 1 2 1'
#
loop_
_entity.id
_entity.type
_entity.pdbx_description
1 polymer MvcA
2 polymer Lpg2149
3 non-polymer 'PRASEODYMIUM ION'
4 water water
#
loop_
_entity_poly.entity_id
_entity_poly.type
_entity_poly.pdbx_seq_one_letter_code
_entity_poly.pdbx_strand_id
1 'polypeptide(L)'
;SMIVRGINMTKIKLESPGFMVHKKLKSMSQSYGVMMTGVPAEVLGQMQAERSIPSINKTGNLKQQIAKEVSKVCHMMTEP
TQSCGQASNDVCELLLGKIEAEKFHFTKYEALSADGDNLKNVLENTAPSSTNLLIRFEIDREDPPIVLVKTKNENFNPET
AVKNKIYLLENKLYFIDKMGNLFNLGPGKKKCTQLFNAIGDSAEYSLCDPFVLEEPEKPEDFAISEIVDIFNEQKERFDF
WIGSHSFTIYIPQTLGESPRQFYPYQAYFGSHTLQDWFVSDKDEYLSRIGIDKYIEKLAVLGKTTNTKERSDIYAEFFSK
RGREAFFCAHLNEKRQPLRVKFKITEINPELALKNLQETQEFIDTHPGENPSDKVENYRNRAKLAMTEHLESLLDIKPES
S
;
A
2 'polypeptide(L)'
;SGTFFKDYQKKNVMRLLQDSLEKIINEWLKTDDESHTKLKSLQELSEMDINATSFAEHSPLPDFVTRLWLDPHKALDAMD
KNISKNEIRKLIKETAREIELVFTHQK
;
C
#
# COMPACT_ATOMS: atom_id res chain seq x y z
N LEU A 14 -23.04 -30.28 7.72
CA LEU A 14 -21.69 -30.47 8.24
C LEU A 14 -20.68 -29.66 7.44
N GLU A 15 -19.95 -28.79 8.14
CA GLU A 15 -18.90 -27.99 7.50
C GLU A 15 -17.65 -28.01 8.36
N SER A 16 -16.53 -28.32 7.73
CA SER A 16 -15.21 -28.38 8.36
C SER A 16 -14.90 -27.11 9.13
N PRO A 17 -14.14 -27.21 10.24
CA PRO A 17 -13.76 -25.99 10.96
C PRO A 17 -12.92 -25.03 10.14
N GLY A 18 -12.01 -25.58 9.31
CA GLY A 18 -11.24 -24.72 8.43
C GLY A 18 -12.10 -23.91 7.49
N PHE A 19 -13.27 -24.43 7.12
CA PHE A 19 -14.19 -23.68 6.28
C PHE A 19 -14.99 -22.66 7.08
N MET A 20 -15.29 -22.95 8.34
CA MET A 20 -16.00 -22.00 9.19
C MET A 20 -15.19 -20.71 9.37
N VAL A 21 -13.86 -20.85 9.23
CA VAL A 21 -12.97 -19.70 9.31
C VAL A 21 -13.26 -18.71 8.19
N HIS A 22 -13.39 -19.21 6.96
CA HIS A 22 -13.75 -18.33 5.85
C HIS A 22 -15.15 -17.75 6.05
N LYS A 23 -16.06 -18.54 6.61
CA LYS A 23 -17.43 -18.10 6.86
C LYS A 23 -17.45 -16.92 7.82
N LYS A 24 -16.89 -17.10 9.03
CA LYS A 24 -16.86 -16.02 10.01
C LYS A 24 -16.13 -14.79 9.45
N LEU A 25 -14.98 -15.02 8.82
CA LEU A 25 -14.19 -13.92 8.30
C LEU A 25 -14.97 -13.10 7.28
N LYS A 26 -15.61 -13.78 6.33
CA LYS A 26 -16.41 -13.09 5.31
C LYS A 26 -17.62 -12.40 5.94
N SER A 27 -18.26 -13.08 6.91
CA SER A 27 -19.48 -12.55 7.57
C SER A 27 -19.15 -11.31 8.40
N MET A 28 -18.00 -11.31 9.10
CA MET A 28 -17.61 -10.17 9.97
C MET A 28 -17.23 -8.95 9.12
N SER A 29 -16.48 -9.17 8.02
CA SER A 29 -16.02 -8.09 7.17
C SER A 29 -17.19 -7.47 6.41
N GLN A 30 -18.09 -8.33 5.90
CA GLN A 30 -19.25 -7.82 5.17
C GLN A 30 -20.14 -6.96 6.07
N SER A 31 -20.25 -7.33 7.35
CA SER A 31 -21.18 -6.65 8.25
C SER A 31 -20.56 -5.42 8.92
N TYR A 32 -19.27 -5.48 9.29
CA TYR A 32 -18.70 -4.48 10.17
C TYR A 32 -17.57 -3.65 9.56
N GLY A 33 -16.96 -4.10 8.47
CA GLY A 33 -16.03 -3.26 7.72
C GLY A 33 -14.82 -2.83 8.55
N VAL A 34 -14.60 -1.52 8.65
CA VAL A 34 -13.41 -0.95 9.28
C VAL A 34 -13.32 -1.31 10.76
N MET A 35 -14.43 -1.69 11.37
CA MET A 35 -14.51 -2.04 12.80
C MET A 35 -13.67 -3.29 13.05
N MET A 36 -13.47 -4.09 12.03
CA MET A 36 -12.72 -5.36 12.07
C MET A 36 -11.24 -5.11 12.26
N THR A 37 -10.77 -3.88 12.08
CA THR A 37 -9.39 -3.56 12.41
C THR A 37 -9.15 -3.56 13.91
N GLY A 38 -10.21 -3.41 14.70
CA GLY A 38 -10.11 -3.29 16.14
C GLY A 38 -9.97 -1.88 16.67
N VAL A 39 -9.79 -0.89 15.79
CA VAL A 39 -9.53 0.49 16.19
C VAL A 39 -10.75 1.05 16.91
N PRO A 40 -10.60 1.54 18.14
CA PRO A 40 -11.73 2.20 18.81
C PRO A 40 -12.21 3.38 17.98
N ALA A 41 -13.52 3.58 17.96
CA ALA A 41 -14.09 4.70 17.22
C ALA A 41 -13.49 6.03 17.70
N GLU A 42 -13.25 6.14 19.01
CA GLU A 42 -12.67 7.36 19.55
C GLU A 42 -11.29 7.64 18.97
N VAL A 43 -10.46 6.60 18.87
CA VAL A 43 -9.13 6.74 18.28
C VAL A 43 -9.23 7.18 16.82
N LEU A 44 -10.19 6.60 16.07
CA LEU A 44 -10.26 6.86 14.63
C LEU A 44 -10.75 8.27 14.34
N GLY A 45 -11.74 8.74 15.11
CA GLY A 45 -12.21 10.11 14.93
C GLY A 45 -11.16 11.13 15.32
N GLN A 46 -10.46 10.89 16.43
CA GLN A 46 -9.43 11.81 16.89
C GLN A 46 -8.35 11.99 15.82
N MET A 47 -7.97 10.87 15.20
CA MET A 47 -6.92 10.84 14.15
C MET A 47 -7.41 11.63 12.93
N GLN A 48 -8.61 11.29 12.44
CA GLN A 48 -9.17 11.99 11.29
C GLN A 48 -9.16 13.49 11.52
N ALA A 49 -9.43 13.92 12.76
CA ALA A 49 -9.31 15.33 13.10
C ALA A 49 -7.89 15.82 12.89
N GLU A 50 -6.90 14.97 13.17
CA GLU A 50 -5.50 15.36 13.05
C GLU A 50 -5.08 15.52 11.59
N ARG A 51 -5.46 14.57 10.74
CA ARG A 51 -5.13 14.69 9.33
C ARG A 51 -6.02 15.68 8.60
N SER A 52 -6.98 16.30 9.28
CA SER A 52 -7.83 17.31 8.67
C SER A 52 -7.60 18.72 9.22
N ILE A 53 -6.76 18.87 10.25
CA ILE A 53 -6.56 20.19 10.87
C ILE A 53 -5.55 21.05 10.10
N PRO A 54 -4.65 20.52 9.26
CA PRO A 54 -3.89 21.45 8.40
C PRO A 54 -4.76 22.23 7.44
N SER A 55 -5.83 21.61 6.89
CA SER A 55 -6.70 22.26 5.93
C SER A 55 -7.58 23.33 6.55
N ILE A 56 -7.50 23.54 7.86
CA ILE A 56 -8.34 24.51 8.56
C ILE A 56 -7.56 25.80 8.72
N ASN A 57 -7.93 26.81 7.94
CA ASN A 57 -7.40 28.15 8.14
C ASN A 57 -7.99 28.73 9.42
N LYS A 58 -7.15 28.94 10.43
CA LYS A 58 -7.64 29.42 11.72
C LYS A 58 -7.70 30.94 11.82
N THR A 59 -7.55 31.65 10.69
CA THR A 59 -7.93 33.05 10.64
C THR A 59 -9.36 33.24 10.16
N GLY A 60 -9.98 32.20 9.59
CA GLY A 60 -11.36 32.23 9.18
C GLY A 60 -12.29 31.76 10.27
N ASN A 61 -13.48 31.33 9.85
CA ASN A 61 -14.53 30.87 10.77
C ASN A 61 -14.27 29.40 11.10
N LEU A 62 -14.04 29.09 12.38
CA LEU A 62 -13.64 27.74 12.76
C LEU A 62 -14.82 26.79 12.76
N LYS A 63 -15.94 27.19 13.37
CA LYS A 63 -17.13 26.34 13.38
C LYS A 63 -17.68 26.11 11.96
N GLN A 64 -17.51 27.09 11.07
CA GLN A 64 -17.56 26.82 9.62
C GLN A 64 -16.74 25.57 9.29
N GLN A 65 -15.43 25.64 9.49
CA GLN A 65 -14.53 24.65 8.90
C GLN A 65 -14.59 23.32 9.64
N ILE A 66 -14.75 23.34 10.96
CA ILE A 66 -14.86 22.12 11.74
C ILE A 66 -16.06 21.29 11.27
N ALA A 67 -17.22 21.93 11.16
CA ALA A 67 -18.41 21.24 10.67
C ALA A 67 -18.24 20.77 9.23
N LYS A 68 -17.59 21.59 8.40
CA LYS A 68 -17.34 21.20 7.01
C LYS A 68 -16.43 19.99 6.94
N GLU A 69 -15.29 20.05 7.66
CA GLU A 69 -14.34 18.94 7.66
C GLU A 69 -14.98 17.66 8.22
N VAL A 70 -15.68 17.79 9.35
CA VAL A 70 -16.37 16.65 9.93
C VAL A 70 -17.36 16.06 8.91
N SER A 71 -18.03 16.94 8.16
CA SER A 71 -18.99 16.47 7.16
C SER A 71 -18.32 15.87 5.94
N LYS A 72 -17.10 16.30 5.60
CA LYS A 72 -16.43 15.72 4.43
C LYS A 72 -15.97 14.29 4.72
N VAL A 73 -15.42 14.06 5.90
CA VAL A 73 -15.08 12.70 6.32
C VAL A 73 -16.32 11.82 6.41
N CYS A 74 -17.51 12.43 6.52
CA CYS A 74 -18.76 11.66 6.53
C CYS A 74 -18.98 10.90 5.22
N HIS A 75 -18.94 11.63 4.10
CA HIS A 75 -19.24 11.04 2.80
C HIS A 75 -18.05 10.29 2.21
N MET A 76 -17.16 9.82 3.09
CA MET A 76 -15.90 9.18 2.67
C MET A 76 -15.77 7.79 3.28
N MET A 77 -16.37 7.60 4.46
CA MET A 77 -16.33 6.33 5.22
C MET A 77 -16.59 5.15 4.27
N THR A 78 -17.63 5.26 3.44
CA THR A 78 -17.97 4.19 2.51
C THR A 78 -17.10 4.21 1.25
N GLU A 79 -16.24 5.24 1.09
CA GLU A 79 -15.42 5.33 -0.10
C GLU A 79 -14.20 4.41 0.05
N PRO A 80 -13.73 3.81 -1.05
CA PRO A 80 -12.57 2.91 -0.98
C PRO A 80 -11.29 3.62 -0.56
N THR A 81 -11.04 3.71 0.74
CA THR A 81 -9.81 4.27 1.28
C THR A 81 -9.01 3.22 2.06
N GLN A 82 -9.18 1.94 1.73
CA GLN A 82 -8.40 0.87 2.34
C GLN A 82 -7.41 0.33 1.33
N SER A 83 -6.18 0.10 1.77
CA SER A 83 -5.12 -0.41 0.93
C SER A 83 -5.08 -1.94 0.97
N CYS A 84 -4.59 -2.53 -0.11
CA CYS A 84 -4.50 -3.98 -0.21
C CYS A 84 -3.65 -4.59 0.89
N GLY A 85 -2.65 -3.84 1.36
CA GLY A 85 -1.77 -4.37 2.40
C GLY A 85 -2.45 -4.47 3.75
N GLN A 86 -3.28 -3.47 4.09
CA GLN A 86 -4.01 -3.52 5.36
C GLN A 86 -5.01 -4.67 5.38
N ALA A 87 -5.69 -4.92 4.25
CA ALA A 87 -6.59 -6.07 4.18
C ALA A 87 -5.83 -7.38 4.30
N SER A 88 -4.78 -7.54 3.48
CA SER A 88 -3.92 -8.73 3.57
C SER A 88 -3.33 -8.89 4.96
N ASN A 89 -2.93 -7.78 5.60
CA ASN A 89 -2.35 -7.89 6.94
C ASN A 89 -3.40 -8.30 7.96
N ASP A 90 -4.60 -7.72 7.89
CA ASP A 90 -5.68 -8.12 8.79
C ASP A 90 -5.99 -9.62 8.66
N VAL A 91 -5.98 -10.14 7.42
CA VAL A 91 -6.32 -11.55 7.21
C VAL A 91 -5.26 -12.46 7.82
N CYS A 92 -3.99 -12.18 7.55
CA CYS A 92 -2.92 -12.99 8.12
C CYS A 92 -2.93 -12.92 9.64
N GLU A 93 -3.11 -11.72 10.18
CA GLU A 93 -3.16 -11.56 11.64
C GLU A 93 -4.30 -12.38 12.25
N LEU A 94 -5.47 -12.37 11.61
CA LEU A 94 -6.63 -13.04 12.18
C LEU A 94 -6.48 -14.56 12.13
N LEU A 95 -6.05 -15.11 10.99
CA LEU A 95 -5.97 -16.55 10.84
C LEU A 95 -4.72 -17.15 11.50
N LEU A 96 -3.70 -16.33 11.79
CA LEU A 96 -2.44 -16.84 12.32
C LEU A 96 -2.11 -16.42 13.74
N GLY A 97 -2.69 -15.32 14.23
CA GLY A 97 -2.28 -14.73 15.48
C GLY A 97 -0.96 -13.98 15.35
N LYS A 98 -0.66 -13.20 16.39
CA LYS A 98 0.46 -12.28 16.33
C LYS A 98 1.78 -13.00 16.03
N ILE A 99 2.02 -14.12 16.73
CA ILE A 99 3.33 -14.78 16.65
C ILE A 99 3.57 -15.33 15.26
N GLU A 100 2.62 -16.12 14.74
CA GLU A 100 2.84 -16.77 13.45
C GLU A 100 2.72 -15.79 12.29
N ALA A 101 1.96 -14.70 12.46
CA ALA A 101 1.91 -13.66 11.42
C ALA A 101 3.24 -12.90 11.35
N GLU A 102 3.91 -12.71 12.49
CA GLU A 102 5.25 -12.14 12.47
C GLU A 102 6.21 -13.02 11.67
N LYS A 103 6.26 -14.31 11.98
CA LYS A 103 7.12 -15.21 11.24
C LYS A 103 6.69 -15.35 9.79
N PHE A 104 5.39 -15.24 9.52
CA PHE A 104 4.91 -15.26 8.13
C PHE A 104 5.31 -13.98 7.40
N HIS A 105 5.35 -12.85 8.10
CA HIS A 105 5.72 -11.59 7.47
C HIS A 105 7.19 -11.58 7.06
N PHE A 106 8.05 -12.30 7.77
CA PHE A 106 9.46 -12.38 7.45
C PHE A 106 9.82 -13.51 6.50
N THR A 107 8.89 -14.42 6.21
CA THR A 107 9.14 -15.49 5.26
C THR A 107 9.35 -14.93 3.86
N LYS A 108 10.32 -15.47 3.14
CA LYS A 108 10.67 -14.95 1.83
C LYS A 108 9.66 -15.37 0.77
N TYR A 109 9.33 -14.42 -0.11
CA TYR A 109 8.42 -14.71 -1.21
C TYR A 109 9.08 -15.63 -2.23
N GLU A 110 8.28 -16.53 -2.80
CA GLU A 110 8.70 -17.37 -3.91
C GLU A 110 8.11 -16.83 -5.21
N ALA A 111 8.94 -16.82 -6.26
CA ALA A 111 8.49 -16.34 -7.56
C ALA A 111 7.68 -17.42 -8.27
N LEU A 112 6.55 -17.03 -8.85
CA LEU A 112 5.68 -17.99 -9.52
C LEU A 112 6.34 -18.47 -10.80
N SER A 113 6.20 -19.77 -11.08
CA SER A 113 6.70 -20.35 -12.35
C SER A 113 5.80 -19.84 -13.49
N ALA A 114 6.24 -19.92 -14.74
CA ALA A 114 5.42 -19.39 -15.85
C ALA A 114 4.07 -20.11 -15.89
N ASP A 115 4.04 -21.43 -15.71
CA ASP A 115 2.76 -22.20 -15.72
C ASP A 115 2.31 -22.43 -14.27
N GLY A 116 3.01 -21.86 -13.30
CA GLY A 116 2.70 -22.08 -11.90
C GLY A 116 2.95 -23.49 -11.42
N ASP A 117 3.98 -24.16 -11.97
CA ASP A 117 4.25 -25.54 -11.59
C ASP A 117 4.57 -25.66 -10.12
N ASN A 118 5.35 -24.71 -9.58
CA ASN A 118 5.77 -24.81 -8.19
C ASN A 118 4.57 -24.70 -7.23
N LEU A 119 3.77 -23.65 -7.38
CA LEU A 119 2.61 -23.48 -6.50
C LEU A 119 1.61 -24.62 -6.70
N LYS A 120 1.34 -25.00 -7.95
CA LYS A 120 0.52 -26.17 -8.23
C LYS A 120 1.03 -27.38 -7.48
N ASN A 121 2.32 -27.70 -7.66
CA ASN A 121 2.87 -28.94 -7.11
C ASN A 121 2.87 -28.94 -5.59
N VAL A 122 3.24 -27.81 -4.98
CA VAL A 122 3.34 -27.78 -3.52
C VAL A 122 1.97 -27.95 -2.88
N LEU A 123 0.91 -27.47 -3.55
CA LEU A 123 -0.45 -27.71 -3.05
C LEU A 123 -0.81 -29.19 -3.09
N GLU A 124 -0.33 -29.90 -4.11
CA GLU A 124 -0.63 -31.32 -4.24
C GLU A 124 0.00 -32.16 -3.13
N ASN A 125 1.09 -31.68 -2.53
CA ASN A 125 1.75 -32.35 -1.42
C ASN A 125 0.98 -32.21 -0.11
N THR A 126 -0.26 -31.75 -0.15
CA THR A 126 -1.06 -31.52 1.04
C THR A 126 -2.29 -32.40 1.00
N ALA A 127 -2.75 -32.80 2.18
CA ALA A 127 -4.00 -33.55 2.30
C ALA A 127 -5.14 -32.55 2.36
N PRO A 128 -5.94 -32.40 1.29
CA PRO A 128 -6.98 -31.36 1.28
C PRO A 128 -8.02 -31.49 2.39
N SER A 129 -7.98 -32.58 3.18
CA SER A 129 -8.95 -32.80 4.24
C SER A 129 -8.38 -32.59 5.64
N SER A 130 -7.06 -32.37 5.77
CA SER A 130 -6.44 -32.14 7.06
C SER A 130 -5.36 -31.06 7.00
N THR A 131 -5.47 -30.13 6.04
CA THR A 131 -4.51 -29.04 5.92
C THR A 131 -5.24 -27.80 5.43
N ASN A 132 -4.85 -26.63 5.96
CA ASN A 132 -5.56 -25.38 5.70
C ASN A 132 -4.57 -24.29 5.35
N LEU A 133 -4.46 -23.97 4.06
CA LEU A 133 -3.40 -23.13 3.54
C LEU A 133 -3.86 -21.69 3.39
N LEU A 134 -3.03 -20.76 3.86
CA LEU A 134 -3.17 -19.34 3.58
C LEU A 134 -2.03 -18.91 2.68
N ILE A 135 -2.36 -18.43 1.48
CA ILE A 135 -1.39 -18.01 0.48
C ILE A 135 -1.47 -16.50 0.36
N ARG A 136 -0.32 -15.83 0.43
CA ARG A 136 -0.25 -14.37 0.27
C ARG A 136 0.61 -14.03 -0.94
N PHE A 137 0.05 -13.22 -1.85
CA PHE A 137 0.70 -12.84 -3.10
C PHE A 137 1.05 -11.36 -3.10
N GLU A 138 2.21 -11.04 -3.68
CA GLU A 138 2.54 -9.67 -4.09
C GLU A 138 2.65 -9.62 -5.60
N ILE A 139 2.03 -8.62 -6.20
CA ILE A 139 2.16 -8.34 -7.64
C ILE A 139 3.04 -7.12 -7.81
N ASP A 140 4.08 -7.24 -8.61
CA ASP A 140 5.02 -6.15 -8.85
C ASP A 140 4.94 -5.68 -10.29
N ARG A 141 4.84 -4.36 -10.46
CA ARG A 141 5.01 -3.68 -11.74
C ARG A 141 6.44 -3.17 -11.84
N GLU A 142 6.96 -3.07 -13.06
CA GLU A 142 8.23 -2.39 -13.29
C GLU A 142 7.97 -0.97 -13.77
N ASP A 143 8.79 -0.03 -13.32
CA ASP A 143 8.66 1.38 -13.65
C ASP A 143 9.88 1.86 -14.42
N PRO A 144 10.00 1.52 -15.70
CA PRO A 144 11.11 2.03 -16.50
C PRO A 144 10.95 3.52 -16.75
N PRO A 145 12.01 4.20 -17.16
CA PRO A 145 11.89 5.64 -17.47
C PRO A 145 10.87 5.89 -18.57
N ILE A 146 10.20 7.03 -18.47
CA ILE A 146 9.22 7.45 -19.46
C ILE A 146 9.89 8.36 -20.48
N VAL A 147 10.87 9.12 -20.02
CA VAL A 147 11.33 10.32 -20.71
C VAL A 147 12.74 10.11 -21.22
N LEU A 148 12.99 10.49 -22.48
CA LEU A 148 14.31 10.65 -23.05
C LEU A 148 14.61 12.14 -23.14
N VAL A 149 15.68 12.57 -22.49
CA VAL A 149 16.10 13.97 -22.46
C VAL A 149 17.31 14.12 -23.36
N LYS A 150 17.21 14.99 -24.35
CA LYS A 150 18.39 15.32 -25.14
C LYS A 150 19.04 16.55 -24.53
N THR A 151 20.34 16.44 -24.28
CA THR A 151 21.12 17.51 -23.67
C THR A 151 22.54 17.45 -24.22
N LYS A 152 23.27 18.55 -24.04
CA LYS A 152 24.66 18.60 -24.45
C LYS A 152 25.56 18.27 -23.27
N ASN A 153 26.81 17.94 -23.55
CA ASN A 153 27.74 17.67 -22.46
C ASN A 153 27.90 18.90 -21.57
N GLU A 154 27.92 20.09 -22.18
CA GLU A 154 28.11 21.33 -21.46
C GLU A 154 26.93 21.70 -20.55
N ASN A 155 25.81 20.98 -20.65
CA ASN A 155 24.64 21.21 -19.81
C ASN A 155 24.32 20.06 -18.87
N PHE A 156 25.13 19.01 -18.87
CA PHE A 156 24.77 17.76 -18.20
C PHE A 156 25.80 17.42 -17.12
N ASN A 157 25.42 17.64 -15.86
CA ASN A 157 26.13 17.07 -14.73
C ASN A 157 25.36 15.87 -14.24
N PRO A 158 25.95 14.67 -14.17
CA PRO A 158 25.17 13.47 -13.83
C PRO A 158 24.60 13.48 -12.42
N GLU A 159 25.09 14.35 -11.53
CA GLU A 159 24.53 14.46 -10.19
C GLU A 159 23.37 15.45 -10.13
N THR A 160 23.37 16.46 -11.00
CA THR A 160 22.30 17.46 -11.03
C THR A 160 21.04 16.91 -11.67
N ALA A 161 21.18 16.10 -12.71
CA ALA A 161 20.08 15.80 -13.62
C ALA A 161 18.91 15.13 -12.89
N VAL A 162 17.72 15.32 -13.49
CA VAL A 162 16.53 14.65 -12.99
C VAL A 162 16.71 13.14 -13.12
N LYS A 163 16.02 12.41 -12.26
CA LYS A 163 16.20 10.97 -12.15
C LYS A 163 15.17 10.24 -12.99
N ASN A 164 15.38 8.92 -13.12
CA ASN A 164 14.49 8.04 -13.88
C ASN A 164 14.25 8.57 -15.29
N LYS A 165 15.35 8.95 -15.95
CA LYS A 165 15.29 9.45 -17.32
C LYS A 165 16.47 8.89 -18.11
N ILE A 166 16.32 8.91 -19.42
CA ILE A 166 17.40 8.61 -20.35
C ILE A 166 17.92 9.93 -20.89
N TYR A 167 19.25 10.06 -20.96
CA TYR A 167 19.89 11.30 -21.40
C TYR A 167 20.76 11.02 -22.60
N LEU A 168 20.39 11.57 -23.75
CA LEU A 168 21.17 11.42 -24.97
C LEU A 168 22.15 12.59 -25.10
N LEU A 169 23.43 12.29 -24.99
CA LEU A 169 24.53 13.21 -25.26
C LEU A 169 25.07 12.96 -26.67
N GLU A 170 26.06 13.76 -27.06
CA GLU A 170 26.71 13.56 -28.35
C GLU A 170 27.77 12.46 -28.31
N ASN A 171 28.34 12.18 -27.14
CA ASN A 171 29.35 11.13 -27.00
C ASN A 171 28.93 10.00 -26.08
N LYS A 172 27.84 10.15 -25.31
CA LYS A 172 27.33 9.10 -24.44
C LYS A 172 25.82 8.96 -24.64
N LEU A 173 25.28 7.87 -24.11
CA LEU A 173 23.83 7.69 -23.93
C LEU A 173 23.66 7.11 -22.53
N TYR A 174 23.27 7.97 -21.59
CA TYR A 174 23.20 7.60 -20.18
C TYR A 174 21.76 7.29 -19.77
N PHE A 175 21.63 6.42 -18.77
CA PHE A 175 20.39 6.24 -18.04
C PHE A 175 20.65 6.53 -16.57
N ILE A 176 19.87 7.45 -16.00
CA ILE A 176 19.95 7.79 -14.59
C ILE A 176 18.72 7.20 -13.92
N ASP A 177 18.93 6.17 -13.10
CA ASP A 177 17.82 5.55 -12.39
C ASP A 177 17.34 6.49 -11.27
N LYS A 178 16.35 6.02 -10.51
CA LYS A 178 15.72 6.89 -9.53
C LYS A 178 16.54 7.10 -8.26
N MET A 179 17.54 6.25 -8.06
CA MET A 179 18.40 6.25 -6.86
C MET A 179 19.63 7.16 -7.02
N GLY A 180 20.12 7.33 -8.25
CA GLY A 180 21.27 8.17 -8.58
C GLY A 180 22.35 7.50 -9.39
N ASN A 181 22.37 6.17 -9.42
CA ASN A 181 23.44 5.46 -10.11
C ASN A 181 23.42 5.76 -11.60
N LEU A 182 24.55 6.22 -12.13
CA LEU A 182 24.69 6.50 -13.55
C LEU A 182 25.00 5.21 -14.30
N PHE A 183 24.36 5.05 -15.46
CA PHE A 183 24.57 3.88 -16.29
C PHE A 183 24.88 4.30 -17.71
N ASN A 184 25.92 3.69 -18.28
CA ASN A 184 26.28 3.86 -19.68
C ASN A 184 25.51 2.80 -20.48
N LEU A 185 24.67 3.24 -21.41
CA LEU A 185 23.82 2.27 -22.10
C LEU A 185 24.53 1.58 -23.27
N GLY A 186 25.75 1.96 -23.62
CA GLY A 186 26.50 1.18 -24.58
C GLY A 186 26.84 1.78 -25.93
N PRO A 187 25.96 2.61 -26.52
CA PRO A 187 26.27 3.11 -27.87
C PRO A 187 27.60 3.86 -27.92
N GLY A 188 28.41 3.51 -28.91
CA GLY A 188 29.67 4.19 -29.14
C GLY A 188 29.46 5.67 -29.43
N LYS A 189 30.56 6.39 -29.62
CA LYS A 189 30.45 7.83 -29.76
C LYS A 189 30.01 8.20 -31.18
N LYS A 190 30.24 7.30 -32.14
CA LYS A 190 29.68 7.47 -33.48
C LYS A 190 28.16 7.35 -33.46
N LYS A 191 27.64 6.35 -32.76
CA LYS A 191 26.19 6.13 -32.74
C LYS A 191 25.45 7.30 -32.11
N CYS A 192 26.02 7.89 -31.05
CA CYS A 192 25.31 8.94 -30.32
C CYS A 192 25.11 10.19 -31.15
N THR A 193 26.11 10.56 -31.96
CA THR A 193 25.96 11.73 -32.83
C THR A 193 24.95 11.46 -33.94
N GLN A 194 24.85 10.21 -34.40
CA GLN A 194 23.81 9.87 -35.37
C GLN A 194 22.42 10.10 -34.79
N LEU A 195 22.23 9.76 -33.51
CA LEU A 195 20.93 9.95 -32.86
C LEU A 195 20.69 11.41 -32.48
N PHE A 196 21.73 12.08 -31.98
CA PHE A 196 21.60 13.47 -31.55
C PHE A 196 21.16 14.37 -32.69
N ASN A 197 21.81 14.24 -33.85
CA ASN A 197 21.46 15.00 -35.05
C ASN A 197 20.19 14.47 -35.71
N ALA A 198 19.68 13.32 -35.27
CA ALA A 198 18.44 12.78 -35.80
C ALA A 198 17.21 13.25 -35.03
N ILE A 199 17.38 13.83 -33.84
CA ILE A 199 16.27 14.19 -32.97
C ILE A 199 16.20 15.70 -32.85
N GLY A 200 14.97 16.21 -32.74
CA GLY A 200 14.70 17.64 -32.80
C GLY A 200 15.12 18.44 -31.59
N ASP A 201 14.49 19.61 -31.42
CA ASP A 201 14.94 20.61 -30.46
C ASP A 201 14.15 20.61 -29.16
N SER A 202 13.05 19.87 -29.08
CA SER A 202 12.29 19.81 -27.84
C SER A 202 13.17 19.30 -26.71
N ALA A 203 12.92 19.81 -25.50
CA ALA A 203 13.76 19.46 -24.37
C ALA A 203 13.54 18.02 -23.90
N GLU A 204 12.31 17.52 -24.00
CA GLU A 204 11.96 16.19 -23.53
C GLU A 204 11.33 15.38 -24.66
N TYR A 205 11.33 14.06 -24.47
CA TYR A 205 10.70 13.15 -25.41
C TYR A 205 10.20 11.93 -24.64
N SER A 206 9.23 11.23 -25.24
CA SER A 206 8.57 10.09 -24.60
C SER A 206 9.19 8.78 -25.08
N LEU A 207 9.35 7.83 -24.16
CA LEU A 207 9.77 6.48 -24.49
C LEU A 207 8.59 5.54 -24.68
N CYS A 208 7.39 6.06 -24.89
CA CYS A 208 6.20 5.25 -25.10
C CYS A 208 5.20 6.04 -25.93
N ASP A 209 4.72 5.44 -27.02
CA ASP A 209 3.72 6.08 -27.88
C ASP A 209 3.06 5.07 -28.82
N GLU A 215 4.13 2.83 -35.23
CA GLU A 215 4.77 2.75 -36.54
C GLU A 215 5.45 4.08 -36.91
N PRO A 216 6.78 4.08 -36.92
CA PRO A 216 7.53 5.32 -37.15
C PRO A 216 7.59 5.70 -38.63
N GLU A 217 7.76 7.01 -38.87
CA GLU A 217 7.74 7.58 -40.22
C GLU A 217 8.87 8.58 -40.47
N LYS A 218 9.26 9.40 -39.46
CA LYS A 218 10.31 10.39 -39.51
C LYS A 218 11.60 9.83 -38.92
N PRO A 219 12.78 10.28 -39.40
CA PRO A 219 14.04 9.85 -38.77
C PRO A 219 14.15 10.23 -37.29
N GLU A 220 13.33 11.16 -36.80
CA GLU A 220 13.23 11.38 -35.36
C GLU A 220 12.65 10.16 -34.66
N ASP A 221 11.60 9.57 -35.25
CA ASP A 221 10.91 8.44 -34.61
C ASP A 221 11.79 7.21 -34.60
N PHE A 222 12.59 6.99 -35.65
CA PHE A 222 13.50 5.85 -35.68
C PHE A 222 14.58 6.00 -34.62
N ALA A 223 15.10 7.23 -34.44
CA ALA A 223 16.11 7.47 -33.43
C ALA A 223 15.57 7.26 -32.03
N ILE A 224 14.29 7.57 -31.80
CA ILE A 224 13.70 7.31 -30.49
C ILE A 224 13.43 5.82 -30.31
N SER A 225 12.96 5.14 -31.36
CA SER A 225 12.62 3.73 -31.22
C SER A 225 13.88 2.87 -31.01
N GLU A 226 14.99 3.23 -31.66
CA GLU A 226 16.21 2.44 -31.45
C GLU A 226 16.75 2.66 -30.04
N ILE A 227 16.65 3.88 -29.51
CA ILE A 227 17.06 4.11 -28.11
C ILE A 227 16.21 3.27 -27.16
N VAL A 228 14.90 3.16 -27.44
CA VAL A 228 14.06 2.25 -26.68
C VAL A 228 14.59 0.83 -26.77
N ASP A 229 14.98 0.42 -27.98
CA ASP A 229 15.57 -0.91 -28.16
C ASP A 229 16.88 -1.05 -27.40
N ILE A 230 17.81 -0.11 -27.60
CA ILE A 230 19.11 -0.15 -26.93
C ILE A 230 18.93 -0.25 -25.42
N PHE A 231 17.90 0.41 -24.88
CA PHE A 231 17.61 0.31 -23.46
C PHE A 231 17.04 -1.07 -23.12
N ASN A 232 16.04 -1.53 -23.90
CA ASN A 232 15.32 -2.73 -23.52
C ASN A 232 16.18 -3.98 -23.61
N GLU A 233 17.19 -4.00 -24.48
CA GLU A 233 18.06 -5.17 -24.49
C GLU A 233 18.90 -5.25 -23.22
N GLN A 234 19.07 -4.13 -22.49
CA GLN A 234 19.78 -4.17 -21.21
C GLN A 234 18.88 -3.84 -20.02
N LYS A 235 17.59 -4.22 -20.09
CA LYS A 235 16.70 -4.16 -18.93
C LYS A 235 17.20 -5.04 -17.79
N GLU A 236 17.91 -6.12 -18.10
CA GLU A 236 18.52 -7.03 -17.15
C GLU A 236 19.28 -6.30 -16.05
N ARG A 237 20.08 -5.31 -16.44
CA ARG A 237 21.02 -4.62 -15.55
C ARG A 237 20.35 -3.74 -14.50
N PHE A 238 19.04 -3.54 -14.56
CA PHE A 238 18.36 -2.59 -13.69
C PHE A 238 17.26 -3.28 -12.90
N ASP A 239 16.67 -2.53 -11.97
CA ASP A 239 15.51 -2.99 -11.20
C ASP A 239 14.52 -1.83 -11.08
N PHE A 240 13.48 -1.86 -11.89
CA PHE A 240 12.41 -0.87 -11.85
C PHE A 240 11.23 -1.33 -11.01
N TRP A 241 11.27 -2.53 -10.46
CA TRP A 241 10.07 -3.15 -9.93
C TRP A 241 9.62 -2.49 -8.64
N ILE A 242 8.32 -2.18 -8.57
CA ILE A 242 7.70 -1.61 -7.38
C ILE A 242 6.52 -2.48 -6.98
N GLY A 243 6.20 -2.47 -5.69
CA GLY A 243 5.04 -3.19 -5.22
C GLY A 243 3.76 -2.58 -5.77
N SER A 244 2.93 -3.40 -6.42
CA SER A 244 1.76 -2.92 -7.10
C SER A 244 0.47 -3.30 -6.38
N HIS A 245 0.25 -4.59 -6.14
CA HIS A 245 -0.99 -5.07 -5.54
C HIS A 245 -0.70 -6.23 -4.59
N SER A 246 -1.57 -6.40 -3.59
CA SER A 246 -1.44 -7.46 -2.60
C SER A 246 -2.79 -8.12 -2.38
N PHE A 247 -2.77 -9.45 -2.24
CA PHE A 247 -3.98 -10.19 -1.94
C PHE A 247 -3.61 -11.52 -1.30
N THR A 248 -4.62 -12.21 -0.78
CA THR A 248 -4.44 -13.49 -0.12
C THR A 248 -5.41 -14.50 -0.73
N ILE A 249 -5.15 -15.77 -0.43
CA ILE A 249 -5.98 -16.88 -0.87
C ILE A 249 -6.01 -17.90 0.26
N TYR A 250 -7.20 -18.42 0.55
CA TYR A 250 -7.42 -19.37 1.63
C TYR A 250 -7.99 -20.65 1.04
N ILE A 251 -7.29 -21.76 1.23
CA ILE A 251 -7.79 -23.06 0.81
C ILE A 251 -8.06 -23.88 2.05
N PRO A 252 -9.28 -23.83 2.60
CA PRO A 252 -9.58 -24.60 3.82
C PRO A 252 -9.68 -26.10 3.59
N GLN A 253 -10.00 -26.84 4.65
CA GLN A 253 -10.18 -28.29 4.57
C GLN A 253 -11.53 -28.63 3.97
N THR A 254 -11.58 -29.78 3.29
CA THR A 254 -12.79 -30.31 2.71
C THR A 254 -13.28 -31.50 3.52
N LEU A 255 -14.58 -31.77 3.42
CA LEU A 255 -15.21 -32.86 4.16
C LEU A 255 -15.26 -34.09 3.27
N GLY A 256 -14.34 -35.02 3.50
CA GLY A 256 -14.40 -36.32 2.84
C GLY A 256 -14.11 -36.22 1.36
N GLU A 257 -15.09 -36.62 0.54
CA GLU A 257 -14.94 -36.64 -0.90
C GLU A 257 -15.21 -35.29 -1.56
N SER A 258 -15.23 -34.20 -0.78
CA SER A 258 -15.55 -32.89 -1.32
C SER A 258 -14.38 -32.35 -2.14
N PRO A 259 -14.65 -31.62 -3.23
CA PRO A 259 -13.56 -31.00 -3.98
C PRO A 259 -12.97 -29.82 -3.25
N ARG A 260 -11.71 -29.53 -3.57
CA ARG A 260 -11.00 -28.43 -2.90
C ARG A 260 -11.49 -27.09 -3.41
N GLN A 261 -11.52 -26.11 -2.51
CA GLN A 261 -11.95 -24.76 -2.84
C GLN A 261 -10.95 -23.75 -2.27
N PHE A 262 -10.70 -22.71 -3.05
CA PHE A 262 -9.92 -21.56 -2.62
C PHE A 262 -10.81 -20.32 -2.59
N TYR A 263 -10.42 -19.35 -1.77
CA TYR A 263 -11.15 -18.10 -1.70
C TYR A 263 -10.19 -16.93 -1.69
N PRO A 264 -10.25 -16.05 -2.69
CA PRO A 264 -9.38 -14.86 -2.68
C PRO A 264 -9.96 -13.76 -1.81
N TYR A 265 -9.08 -13.06 -1.11
CA TYR A 265 -9.41 -11.90 -0.29
C TYR A 265 -8.54 -10.72 -0.70
N GLN A 266 -9.15 -9.55 -0.83
CA GLN A 266 -8.38 -8.36 -1.21
C GLN A 266 -9.21 -7.10 -0.97
N ALA A 267 -8.50 -6.00 -0.76
CA ALA A 267 -9.02 -4.65 -0.97
C ALA A 267 -8.24 -4.02 -2.11
N TYR A 268 -8.71 -2.87 -2.59
CA TYR A 268 -8.03 -2.15 -3.66
C TYR A 268 -8.28 -0.66 -3.50
N PHE A 269 -7.26 0.07 -3.06
CA PHE A 269 -7.42 1.49 -2.79
C PHE A 269 -7.89 2.22 -4.04
N GLY A 270 -9.05 2.88 -3.94
CA GLY A 270 -9.67 3.55 -5.06
C GLY A 270 -10.83 2.79 -5.67
N SER A 271 -10.87 1.47 -5.49
CA SER A 271 -11.88 0.62 -6.10
C SER A 271 -12.88 0.06 -5.09
N HIS A 272 -12.41 -0.69 -4.10
CA HIS A 272 -13.30 -1.33 -3.15
C HIS A 272 -12.53 -1.58 -1.86
N THR A 273 -13.29 -1.87 -0.79
CA THR A 273 -12.70 -2.32 0.45
C THR A 273 -12.68 -3.86 0.49
N LEU A 274 -12.13 -4.40 1.57
CA LEU A 274 -12.33 -5.83 1.82
C LEU A 274 -13.80 -6.13 2.07
N GLN A 275 -14.51 -5.20 2.70
CA GLN A 275 -15.96 -5.33 2.86
C GLN A 275 -16.67 -5.39 1.52
N ASP A 276 -16.42 -4.41 0.64
CA ASP A 276 -17.07 -4.38 -0.66
C ASP A 276 -16.82 -5.67 -1.42
N TRP A 277 -15.57 -6.15 -1.38
CA TRP A 277 -15.20 -7.41 -2.03
C TRP A 277 -16.11 -8.54 -1.59
N PHE A 278 -16.41 -8.61 -0.29
CA PHE A 278 -17.28 -9.67 0.22
C PHE A 278 -18.74 -9.41 -0.15
N VAL A 279 -19.21 -8.17 -0.01
CA VAL A 279 -20.61 -7.84 -0.33
C VAL A 279 -20.96 -8.22 -1.75
N SER A 280 -20.01 -8.11 -2.67
CA SER A 280 -20.25 -8.41 -4.08
C SER A 280 -20.07 -9.87 -4.40
N ASP A 281 -19.65 -10.69 -3.43
CA ASP A 281 -19.47 -12.13 -3.60
C ASP A 281 -18.46 -12.48 -4.69
N LYS A 282 -17.57 -11.54 -5.01
CA LYS A 282 -16.52 -11.84 -5.97
C LYS A 282 -15.59 -12.92 -5.44
N ASP A 283 -15.41 -12.99 -4.12
CA ASP A 283 -14.77 -14.16 -3.52
C ASP A 283 -15.35 -15.45 -4.08
N GLU A 284 -16.69 -15.59 -4.08
CA GLU A 284 -17.33 -16.83 -4.52
C GLU A 284 -17.28 -17.00 -6.02
N TYR A 285 -17.30 -15.89 -6.76
CA TYR A 285 -17.24 -15.92 -8.21
C TYR A 285 -15.93 -16.50 -8.69
N LEU A 286 -14.80 -16.03 -8.14
CA LEU A 286 -13.50 -16.52 -8.56
C LEU A 286 -13.24 -17.96 -8.08
N SER A 287 -13.83 -18.34 -6.94
CA SER A 287 -13.61 -19.69 -6.42
C SER A 287 -14.12 -20.76 -7.39
N ARG A 288 -15.26 -20.49 -8.03
CA ARG A 288 -15.88 -21.48 -8.90
C ARG A 288 -15.04 -21.80 -10.13
N ILE A 289 -14.09 -20.94 -10.49
CA ILE A 289 -13.18 -21.23 -11.60
C ILE A 289 -12.09 -22.23 -11.22
N GLY A 290 -12.09 -22.71 -9.98
CA GLY A 290 -11.15 -23.72 -9.57
C GLY A 290 -9.77 -23.16 -9.25
N ILE A 291 -9.05 -23.90 -8.42
CA ILE A 291 -7.76 -23.40 -7.93
C ILE A 291 -6.70 -23.47 -9.01
N ASP A 292 -6.65 -24.57 -9.77
CA ASP A 292 -5.56 -24.74 -10.72
C ASP A 292 -5.71 -23.80 -11.90
N LYS A 293 -6.92 -23.68 -12.46
CA LYS A 293 -7.16 -22.70 -13.51
C LYS A 293 -6.87 -21.28 -13.06
N TYR A 294 -6.93 -21.02 -11.76
CA TYR A 294 -6.58 -19.69 -11.26
C TYR A 294 -5.08 -19.46 -11.32
N ILE A 295 -4.29 -20.41 -10.81
CA ILE A 295 -2.83 -20.34 -10.89
C ILE A 295 -2.40 -20.17 -12.35
N GLU A 296 -3.12 -20.81 -13.27
CA GLU A 296 -2.75 -20.74 -14.68
C GLU A 296 -2.89 -19.31 -15.21
N LYS A 297 -4.10 -18.74 -15.11
CA LYS A 297 -4.29 -17.35 -15.54
C LYS A 297 -3.38 -16.39 -14.77
N LEU A 298 -3.03 -16.74 -13.53
CA LEU A 298 -2.10 -15.94 -12.76
C LEU A 298 -0.70 -15.98 -13.37
N ALA A 299 -0.30 -17.14 -13.89
CA ALA A 299 1.01 -17.26 -14.50
C ALA A 299 1.10 -16.49 -15.82
N VAL A 300 0.04 -16.56 -16.65
CA VAL A 300 0.04 -15.84 -17.91
C VAL A 300 0.22 -14.34 -17.68
N LEU A 301 -0.36 -13.82 -16.58
CA LEU A 301 -0.17 -12.41 -16.26
C LEU A 301 1.30 -12.07 -16.09
N GLY A 302 2.09 -13.02 -15.54
CA GLY A 302 3.51 -12.80 -15.39
C GLY A 302 4.34 -13.11 -16.62
N LYS A 303 3.75 -13.80 -17.61
CA LYS A 303 4.44 -14.21 -18.83
C LYS A 303 4.07 -13.35 -20.03
N THR A 304 2.81 -12.94 -20.14
CA THR A 304 2.31 -12.29 -21.36
C THR A 304 3.05 -10.99 -21.64
N THR A 305 3.13 -10.65 -22.93
CA THR A 305 3.56 -9.34 -23.37
C THR A 305 2.46 -8.57 -24.09
N ASN A 306 1.32 -9.21 -24.34
CA ASN A 306 0.16 -8.52 -24.91
C ASN A 306 -0.53 -7.72 -23.82
N THR A 307 -0.76 -6.43 -24.09
CA THR A 307 -1.33 -5.55 -23.08
C THR A 307 -2.83 -5.81 -22.89
N LYS A 308 -3.55 -6.13 -23.96
CA LYS A 308 -4.97 -6.44 -23.80
C LYS A 308 -5.16 -7.70 -22.96
N GLU A 309 -4.32 -8.71 -23.16
CA GLU A 309 -4.44 -9.92 -22.34
C GLU A 309 -4.02 -9.67 -20.90
N ARG A 310 -2.96 -8.89 -20.70
CA ARG A 310 -2.52 -8.56 -19.34
C ARG A 310 -3.56 -7.73 -18.61
N SER A 311 -4.28 -6.86 -19.33
CA SER A 311 -5.35 -6.09 -18.73
C SER A 311 -6.62 -6.92 -18.55
N ASP A 312 -6.87 -7.88 -19.45
CA ASP A 312 -8.02 -8.76 -19.31
C ASP A 312 -7.96 -9.53 -17.99
N ILE A 313 -6.84 -10.22 -17.75
CA ILE A 313 -6.71 -11.04 -16.54
C ILE A 313 -6.69 -10.16 -15.30
N TYR A 314 -5.91 -9.07 -15.33
CA TYR A 314 -5.77 -8.22 -14.15
C TYR A 314 -7.11 -7.65 -13.71
N ALA A 315 -7.95 -7.26 -14.67
CA ALA A 315 -9.27 -6.75 -14.30
C ALA A 315 -10.16 -7.86 -13.74
N GLU A 316 -10.13 -9.04 -14.38
CA GLU A 316 -10.99 -10.14 -13.94
C GLU A 316 -10.63 -10.59 -12.53
N PHE A 317 -9.33 -10.70 -12.23
CA PHE A 317 -8.89 -11.17 -10.92
C PHE A 317 -9.02 -10.07 -9.85
N PHE A 318 -8.48 -8.89 -10.12
CA PHE A 318 -8.32 -7.87 -9.10
C PHE A 318 -9.00 -6.56 -9.46
N SER A 319 -10.32 -6.57 -9.59
CA SER A 319 -11.06 -5.33 -9.78
C SER A 319 -12.45 -5.48 -9.18
N LYS A 320 -13.14 -4.35 -9.04
CA LYS A 320 -14.47 -4.35 -8.46
C LYS A 320 -15.45 -5.13 -9.34
N ARG A 321 -16.43 -5.75 -8.69
CA ARG A 321 -17.49 -6.48 -9.39
C ARG A 321 -18.69 -5.54 -9.55
N GLY A 322 -18.62 -4.70 -10.59
CA GLY A 322 -19.70 -3.77 -10.89
C GLY A 322 -19.31 -2.31 -10.87
N ASN A 332 -5.55 3.20 -16.53
CA ASN A 332 -4.96 2.16 -15.71
C ASN A 332 -4.72 0.88 -16.50
N GLU A 333 -4.36 1.05 -17.77
CA GLU A 333 -3.98 -0.09 -18.59
C GLU A 333 -2.65 -0.63 -18.13
N LYS A 334 -2.59 -1.94 -17.89
CA LYS A 334 -1.35 -2.56 -17.42
C LYS A 334 -0.47 -2.78 -18.65
N ARG A 335 0.33 -1.75 -18.95
CA ARG A 335 1.22 -1.77 -20.12
C ARG A 335 2.51 -2.51 -19.82
N GLN A 336 3.21 -2.09 -18.78
CA GLN A 336 4.50 -2.68 -18.45
C GLN A 336 4.30 -3.98 -17.68
N PRO A 337 5.24 -4.92 -17.77
CA PRO A 337 5.00 -6.28 -17.29
C PRO A 337 4.70 -6.35 -15.80
N LEU A 338 4.01 -7.41 -15.42
CA LEU A 338 3.71 -7.73 -14.03
C LEU A 338 4.32 -9.09 -13.69
N ARG A 339 4.75 -9.24 -12.44
CA ARG A 339 5.26 -10.51 -11.95
C ARG A 339 4.53 -10.88 -10.67
N VAL A 340 4.46 -12.18 -10.41
CA VAL A 340 3.68 -12.74 -9.31
C VAL A 340 4.60 -13.52 -8.40
N LYS A 341 4.54 -13.21 -7.10
CA LYS A 341 5.30 -13.94 -6.09
C LYS A 341 4.36 -14.27 -4.92
N PHE A 342 4.73 -15.32 -4.18
CA PHE A 342 3.84 -15.85 -3.16
C PHE A 342 4.64 -16.43 -2.00
N LYS A 343 3.96 -16.60 -0.87
CA LYS A 343 4.44 -17.38 0.25
C LYS A 343 3.24 -18.03 0.91
N ILE A 344 3.45 -19.23 1.45
CA ILE A 344 2.36 -20.09 1.87
C ILE A 344 2.60 -20.57 3.29
N THR A 345 1.51 -20.89 3.99
CA THR A 345 1.57 -21.35 5.37
C THR A 345 0.29 -22.12 5.70
N GLU A 346 0.26 -22.71 6.89
CA GLU A 346 -0.84 -23.54 7.35
C GLU A 346 -1.58 -22.86 8.51
N ILE A 347 -2.91 -22.98 8.50
CA ILE A 347 -3.78 -22.35 9.49
C ILE A 347 -4.19 -23.35 10.53
N ASN A 348 -4.34 -22.88 11.77
CA ASN A 348 -5.03 -23.62 12.81
C ASN A 348 -6.44 -23.05 12.93
N PRO A 349 -7.46 -23.72 12.40
CA PRO A 349 -8.82 -23.14 12.43
C PRO A 349 -9.34 -22.89 13.83
N GLU A 350 -8.91 -23.66 14.82
CA GLU A 350 -9.32 -23.38 16.20
C GLU A 350 -8.80 -22.02 16.65
N LEU A 351 -7.52 -21.75 16.42
CA LEU A 351 -6.96 -20.44 16.75
C LEU A 351 -7.70 -19.34 16.02
N ALA A 352 -7.90 -19.50 14.71
CA ALA A 352 -8.48 -18.43 13.90
C ALA A 352 -9.89 -18.06 14.38
N LEU A 353 -10.70 -19.07 14.73
CA LEU A 353 -12.02 -18.79 15.26
C LEU A 353 -11.94 -18.06 16.59
N LYS A 354 -10.99 -18.46 17.44
CA LYS A 354 -10.78 -17.78 18.72
C LYS A 354 -10.38 -16.33 18.50
N ASN A 355 -9.51 -16.09 17.51
CA ASN A 355 -9.12 -14.72 17.17
C ASN A 355 -10.31 -13.91 16.68
N LEU A 356 -11.15 -14.51 15.83
CA LEU A 356 -12.34 -13.83 15.35
C LEU A 356 -13.35 -13.63 16.47
N GLN A 357 -13.41 -14.56 17.43
CA GLN A 357 -14.31 -14.40 18.55
C GLN A 357 -13.94 -13.16 19.37
N GLU A 358 -12.66 -13.03 19.70
CA GLU A 358 -12.23 -11.85 20.45
C GLU A 358 -12.52 -10.56 19.68
N THR A 359 -12.45 -10.62 18.34
CA THR A 359 -12.74 -9.42 17.54
C THR A 359 -14.23 -9.07 17.58
N GLN A 360 -15.10 -10.08 17.46
CA GLN A 360 -16.54 -9.83 17.56
C GLN A 360 -16.96 -9.42 18.96
N GLU A 361 -16.22 -9.88 19.98
CA GLU A 361 -16.42 -9.40 21.33
C GLU A 361 -16.26 -7.89 21.39
N PHE A 362 -15.18 -7.37 20.80
CA PHE A 362 -14.99 -5.93 20.70
C PHE A 362 -16.15 -5.29 19.93
N ILE A 363 -16.56 -5.92 18.83
CA ILE A 363 -17.60 -5.34 17.98
C ILE A 363 -18.91 -5.27 18.74
N ASP A 364 -19.21 -6.29 19.54
CA ASP A 364 -20.46 -6.36 20.29
C ASP A 364 -20.47 -5.47 21.53
N THR A 365 -19.39 -4.73 21.81
CA THR A 365 -19.42 -3.71 22.85
C THR A 365 -20.07 -2.41 22.37
N HIS A 366 -20.37 -2.31 21.07
CA HIS A 366 -21.04 -1.14 20.55
C HIS A 366 -22.54 -1.37 20.59
N PRO A 367 -23.32 -0.51 21.25
CA PRO A 367 -24.78 -0.68 21.28
C PRO A 367 -25.36 -0.82 19.88
N GLY A 368 -26.31 -1.74 19.72
CA GLY A 368 -26.91 -1.99 18.42
C GLY A 368 -27.74 -3.26 18.34
N GLU A 369 -28.96 -3.13 17.83
CA GLU A 369 -29.84 -4.28 17.64
C GLU A 369 -29.30 -5.26 16.62
N ASN A 370 -28.54 -4.77 15.66
CA ASN A 370 -28.10 -5.59 14.51
C ASN A 370 -26.75 -5.01 14.07
N PRO A 371 -26.10 -5.71 13.10
CA PRO A 371 -24.78 -5.18 12.66
C PRO A 371 -24.84 -3.75 12.14
N SER A 372 -25.83 -3.43 11.29
CA SER A 372 -25.95 -2.07 10.76
C SER A 372 -26.11 -1.05 11.88
N ASP A 373 -26.87 -1.43 12.92
CA ASP A 373 -27.02 -0.57 14.09
C ASP A 373 -25.68 -0.38 14.81
N LYS A 374 -24.85 -1.43 14.85
CA LYS A 374 -23.57 -1.30 15.53
C LYS A 374 -22.58 -0.48 14.70
N VAL A 375 -22.65 -0.58 13.38
CA VAL A 375 -21.82 0.26 12.54
C VAL A 375 -22.21 1.73 12.70
N GLU A 376 -23.52 2.02 12.69
CA GLU A 376 -24.00 3.38 12.91
C GLU A 376 -23.53 3.93 14.25
N ASN A 377 -23.42 3.07 15.27
CA ASN A 377 -22.95 3.56 16.57
C ASN A 377 -21.46 3.89 16.50
N TYR A 378 -20.70 3.05 15.80
CA TYR A 378 -19.29 3.31 15.57
C TYR A 378 -19.09 4.65 14.86
N ARG A 379 -19.87 4.92 13.81
CA ARG A 379 -19.69 6.14 13.03
C ARG A 379 -20.06 7.37 13.84
N ASN A 380 -21.21 7.33 14.49
CA ASN A 380 -21.67 8.48 15.32
C ASN A 380 -20.67 8.67 16.46
N ARG A 381 -20.20 7.59 17.06
CA ARG A 381 -19.21 7.67 18.17
C ARG A 381 -17.92 8.30 17.64
N ALA A 382 -17.46 7.88 16.46
CA ALA A 382 -16.22 8.42 15.85
C ALA A 382 -16.39 9.90 15.51
N LYS A 383 -17.55 10.28 14.97
CA LYS A 383 -17.80 11.68 14.54
C LYS A 383 -17.74 12.59 15.78
N LEU A 384 -18.23 12.11 16.92
CA LEU A 384 -18.21 12.89 18.18
C LEU A 384 -16.76 13.07 18.63
N ALA A 385 -15.89 12.09 18.37
CA ALA A 385 -14.49 12.21 18.78
C ALA A 385 -13.71 13.13 17.83
N MET A 386 -14.09 13.11 16.55
CA MET A 386 -13.41 13.96 15.52
C MET A 386 -13.78 15.43 15.77
N THR A 387 -15.04 15.68 16.16
CA THR A 387 -15.53 17.02 16.42
C THR A 387 -14.94 17.57 17.72
N GLU A 388 -14.87 16.74 18.77
CA GLU A 388 -14.34 17.21 20.05
C GLU A 388 -12.83 17.43 19.97
N HIS A 389 -12.13 16.61 19.19
CA HIS A 389 -10.68 16.76 19.06
C HIS A 389 -10.32 17.97 18.22
N LEU A 390 -11.17 18.29 17.24
CA LEU A 390 -10.99 19.53 16.48
C LEU A 390 -11.20 20.74 17.38
N GLU A 391 -12.16 20.66 18.30
CA GLU A 391 -12.50 21.81 19.14
C GLU A 391 -11.44 22.06 20.21
N SER A 392 -10.85 21.00 20.77
CA SER A 392 -9.81 21.17 21.78
C SER A 392 -8.53 21.74 21.19
N LEU A 393 -8.32 21.57 19.88
CA LEU A 393 -7.13 22.08 19.22
C LEU A 393 -7.29 23.50 18.69
N LEU A 394 -8.53 23.94 18.46
CA LEU A 394 -8.81 25.26 17.92
C LEU A 394 -9.52 26.16 18.94
N ASP A 395 -9.32 25.91 20.23
CA ASP A 395 -9.68 26.84 21.31
C ASP A 395 -11.19 27.10 21.36
N ILE A 396 -11.95 26.03 21.58
CA ILE A 396 -13.39 26.15 21.76
C ILE A 396 -13.82 25.52 23.09
N PHE B 4 -5.31 -12.26 22.26
CA PHE B 4 -5.04 -11.90 20.86
C PHE B 4 -5.49 -10.50 20.47
N PHE B 5 -6.69 -10.09 20.93
CA PHE B 5 -7.29 -8.89 20.35
C PHE B 5 -6.51 -7.63 20.71
N LYS B 6 -5.99 -7.53 21.93
CA LYS B 6 -5.29 -6.31 22.33
C LYS B 6 -4.05 -6.06 21.46
N ASP B 7 -3.28 -7.11 21.16
CA ASP B 7 -2.12 -6.94 20.30
C ASP B 7 -2.52 -6.53 18.89
N TYR B 8 -3.60 -7.12 18.38
CA TYR B 8 -4.11 -6.78 17.05
C TYR B 8 -4.61 -5.34 17.00
N GLN B 9 -5.28 -4.89 18.07
CA GLN B 9 -5.79 -3.53 18.11
C GLN B 9 -4.65 -2.52 18.22
N LYS B 10 -3.67 -2.81 19.08
CA LYS B 10 -2.52 -1.93 19.19
C LYS B 10 -1.79 -1.81 17.86
N LYS B 11 -1.67 -2.93 17.15
CA LYS B 11 -1.04 -2.89 15.83
C LYS B 11 -1.80 -1.95 14.90
N ASN B 12 -3.09 -2.17 14.73
CA ASN B 12 -3.87 -1.37 13.79
C ASN B 12 -3.99 0.09 14.23
N VAL B 13 -4.04 0.34 15.54
CA VAL B 13 -3.97 1.72 16.01
C VAL B 13 -2.63 2.34 15.64
N MET B 14 -1.54 1.59 15.80
CA MET B 14 -0.23 2.12 15.42
C MET B 14 -0.13 2.33 13.92
N ARG B 15 -0.77 1.46 13.14
CA ARG B 15 -0.73 1.61 11.69
C ARG B 15 -1.51 2.85 11.24
N LEU B 16 -2.71 3.05 11.81
CA LEU B 16 -3.48 4.23 11.45
C LEU B 16 -2.71 5.52 11.79
N LEU B 17 -1.98 5.51 12.91
CA LEU B 17 -1.16 6.67 13.28
C LEU B 17 -0.08 6.93 12.23
N GLN B 18 0.69 5.89 11.89
CA GLN B 18 1.69 6.01 10.83
C GLN B 18 1.08 6.56 9.54
N ASP B 19 -0.08 6.03 9.14
CA ASP B 19 -0.76 6.53 7.94
C ASP B 19 -1.09 8.01 8.08
N SER B 20 -1.57 8.41 9.25
CA SER B 20 -1.89 9.81 9.49
C SER B 20 -0.62 10.65 9.51
N LEU B 21 0.45 10.12 10.10
CA LEU B 21 1.74 10.82 10.06
C LEU B 21 2.20 11.01 8.62
N GLU B 22 2.13 9.95 7.82
CA GLU B 22 2.59 10.04 6.44
C GLU B 22 1.79 11.06 5.66
N LYS B 23 0.46 11.09 5.83
CA LYS B 23 -0.36 12.01 5.07
C LYS B 23 -0.10 13.46 5.48
N ILE B 24 0.07 13.70 6.78
CA ILE B 24 0.25 15.06 7.26
C ILE B 24 1.65 15.57 6.88
N ILE B 25 2.68 14.75 7.11
CA ILE B 25 4.05 15.16 6.78
C ILE B 25 4.18 15.40 5.28
N ASN B 26 3.54 14.56 4.46
CA ASN B 26 3.66 14.70 3.01
C ASN B 26 3.00 16.00 2.53
N GLU B 27 1.79 16.28 3.03
CA GLU B 27 1.15 17.55 2.70
C GLU B 27 2.03 18.71 3.13
N TRP B 28 2.66 18.60 4.30
CA TRP B 28 3.56 19.64 4.79
C TRP B 28 4.85 19.69 3.97
N LEU B 29 5.31 18.55 3.45
CA LEU B 29 6.52 18.55 2.63
C LEU B 29 6.27 19.15 1.25
N LYS B 30 5.03 19.06 0.75
CA LYS B 30 4.72 19.57 -0.59
C LYS B 30 4.93 21.06 -0.71
N THR B 31 5.11 21.76 0.41
CA THR B 31 5.30 23.22 0.42
C THR B 31 6.65 23.60 1.01
N ASP B 32 7.67 22.79 0.78
CA ASP B 32 9.03 23.17 1.15
C ASP B 32 9.61 24.11 0.10
N ASP B 33 10.52 24.97 0.53
CA ASP B 33 11.17 25.92 -0.38
C ASP B 33 12.26 25.20 -1.16
N GLU B 34 13.02 25.96 -1.95
CA GLU B 34 14.14 25.39 -2.69
C GLU B 34 15.40 25.25 -1.84
N SER B 35 15.33 25.60 -0.56
CA SER B 35 16.42 25.36 0.39
C SER B 35 16.22 24.11 1.22
N HIS B 36 15.13 23.36 0.96
CA HIS B 36 14.91 22.04 1.58
C HIS B 36 14.87 22.14 3.10
N THR B 37 14.35 23.25 3.61
CA THR B 37 14.27 23.46 5.05
C THR B 37 13.44 22.38 5.72
N LYS B 38 12.23 22.14 5.23
CA LYS B 38 11.34 21.17 5.85
C LYS B 38 11.89 19.75 5.72
N LEU B 39 12.52 19.44 4.58
CA LEU B 39 13.10 18.11 4.41
C LEU B 39 14.29 17.91 5.34
N LYS B 40 15.16 18.92 5.45
CA LYS B 40 16.29 18.80 6.37
C LYS B 40 15.80 18.66 7.80
N SER B 41 14.76 19.40 8.17
CA SER B 41 14.13 19.21 9.46
C SER B 41 13.67 17.76 9.63
N LEU B 42 13.05 17.21 8.59
CA LEU B 42 12.56 15.83 8.66
C LEU B 42 13.71 14.84 8.85
N GLN B 43 14.85 15.10 8.20
CA GLN B 43 16.01 14.23 8.38
C GLN B 43 16.50 14.25 9.82
N GLU B 44 16.62 15.45 10.41
CA GLU B 44 17.04 15.55 11.80
C GLU B 44 16.12 14.73 12.71
N LEU B 45 14.81 14.77 12.43
CA LEU B 45 13.84 14.11 13.28
C LEU B 45 14.07 12.60 13.31
N SER B 46 14.40 12.00 12.17
CA SER B 46 14.63 10.57 12.12
C SER B 46 15.90 10.15 12.84
N GLU B 47 16.77 11.09 13.22
CA GLU B 47 17.94 10.82 14.03
C GLU B 47 17.84 11.39 15.44
N MET B 48 16.66 11.84 15.86
CA MET B 48 16.51 12.49 17.15
C MET B 48 16.75 11.50 18.28
N ASP B 49 17.37 11.99 19.36
CA ASP B 49 17.50 11.20 20.58
C ASP B 49 16.12 10.98 21.18
N ILE B 50 15.80 9.72 21.50
CA ILE B 50 14.45 9.39 21.94
C ILE B 50 14.19 9.93 23.35
N ASN B 51 15.24 10.18 24.11
CA ASN B 51 15.10 10.77 25.43
C ASN B 51 14.94 12.28 25.39
N ALA B 52 15.18 12.90 24.23
CA ALA B 52 15.05 14.35 24.12
C ALA B 52 13.59 14.74 24.35
N THR B 53 13.38 15.69 25.25
CA THR B 53 12.03 16.09 25.65
C THR B 53 11.74 17.53 25.25
N SER B 54 12.43 18.04 24.24
CA SER B 54 12.32 19.44 23.87
C SER B 54 12.75 19.64 22.42
N PHE B 55 11.93 20.33 21.63
CA PHE B 55 12.28 20.72 20.28
C PHE B 55 12.83 22.14 20.28
N ALA B 56 13.65 22.45 19.28
CA ALA B 56 14.14 23.81 19.11
C ALA B 56 12.98 24.77 18.88
N GLU B 57 13.15 26.02 19.33
CA GLU B 57 12.03 26.92 19.59
C GLU B 57 11.16 27.15 18.35
N HIS B 58 11.77 27.53 17.24
CA HIS B 58 11.00 27.80 16.02
C HIS B 58 11.16 26.67 15.00
N SER B 59 10.74 25.48 15.47
CA SER B 59 10.85 24.22 14.74
C SER B 59 9.86 24.19 13.57
N PRO B 60 10.31 23.85 12.36
CA PRO B 60 9.37 23.76 11.23
C PRO B 60 8.41 22.58 11.33
N LEU B 61 8.72 21.57 12.14
CA LEU B 61 7.96 20.31 12.19
C LEU B 61 6.48 20.55 12.41
N PRO B 62 5.62 19.71 11.83
CA PRO B 62 4.17 19.92 11.98
C PRO B 62 3.73 19.82 13.44
N ASP B 63 2.72 20.62 13.77
CA ASP B 63 2.24 20.68 15.15
C ASP B 63 1.93 19.30 15.71
N PHE B 64 1.26 18.45 14.91
CA PHE B 64 0.89 17.13 15.40
C PHE B 64 2.11 16.30 15.78
N VAL B 65 3.13 16.31 14.91
CA VAL B 65 4.34 15.53 15.15
C VAL B 65 4.97 15.89 16.49
N THR B 66 5.13 17.18 16.76
CA THR B 66 5.79 17.59 18.00
C THR B 66 4.88 17.37 19.21
N ARG B 67 3.57 17.60 19.06
CA ARG B 67 2.64 17.29 20.14
C ARG B 67 2.63 15.79 20.44
N LEU B 68 2.62 14.97 19.37
CA LEU B 68 2.64 13.53 19.54
C LEU B 68 3.91 13.07 20.22
N TRP B 69 5.05 13.70 19.89
CA TRP B 69 6.32 13.31 20.49
C TRP B 69 6.37 13.64 21.98
N LEU B 70 5.92 14.84 22.36
CA LEU B 70 6.12 15.32 23.73
C LEU B 70 5.19 14.62 24.72
N ASP B 71 3.89 14.70 24.48
CA ASP B 71 2.88 14.07 25.33
C ASP B 71 1.90 13.32 24.44
N PRO B 72 2.28 12.12 23.97
CA PRO B 72 1.41 11.40 23.03
C PRO B 72 0.03 11.06 23.58
N HIS B 73 -0.11 10.89 24.89
CA HIS B 73 -1.40 10.52 25.46
C HIS B 73 -2.27 11.72 25.77
N LYS B 74 -1.71 12.93 25.72
CA LYS B 74 -2.50 14.14 25.67
C LYS B 74 -2.84 14.51 24.24
N ALA B 75 -1.93 14.22 23.30
CA ALA B 75 -2.17 14.51 21.89
C ALA B 75 -3.33 13.69 21.35
N LEU B 76 -3.42 12.42 21.75
CA LEU B 76 -4.52 11.52 21.36
C LEU B 76 -5.00 10.83 22.63
N ASP B 77 -5.90 11.50 23.35
CA ASP B 77 -6.33 11.02 24.67
C ASP B 77 -7.23 9.78 24.62
N ALA B 78 -7.53 9.25 23.43
CA ALA B 78 -8.24 7.98 23.33
C ALA B 78 -7.30 6.80 23.14
N MET B 79 -6.00 7.05 23.04
CA MET B 79 -5.01 6.01 22.82
C MET B 79 -4.76 5.26 24.11
N ASP B 80 -4.75 3.93 24.02
CA ASP B 80 -4.61 3.14 25.23
C ASP B 80 -3.21 3.27 25.81
N LYS B 81 -3.13 3.03 27.12
CA LYS B 81 -1.88 3.14 27.85
C LYS B 81 -0.85 2.09 27.42
N ASN B 82 -1.29 0.98 26.81
CA ASN B 82 -0.32 -0.02 26.37
C ASN B 82 0.56 0.46 25.22
N ILE B 83 0.32 1.66 24.70
CA ILE B 83 1.23 2.32 23.77
C ILE B 83 2.12 3.25 24.57
N SER B 84 3.42 2.97 24.57
CA SER B 84 4.35 3.73 25.39
C SER B 84 4.84 4.96 24.63
N LYS B 85 5.25 5.97 25.41
CA LYS B 85 5.82 7.18 24.82
C LYS B 85 7.04 6.86 23.98
N ASN B 86 7.83 5.88 24.41
CA ASN B 86 8.98 5.41 23.62
C ASN B 86 8.53 4.78 22.32
N GLU B 87 7.45 3.98 22.35
CA GLU B 87 6.97 3.34 21.14
C GLU B 87 6.48 4.38 20.13
N ILE B 88 5.72 5.37 20.60
CA ILE B 88 5.31 6.50 19.76
C ILE B 88 6.53 7.14 19.11
N ARG B 89 7.55 7.42 19.92
CA ARG B 89 8.71 8.17 19.43
C ARG B 89 9.51 7.36 18.43
N LYS B 90 9.69 6.05 18.68
CA LYS B 90 10.33 5.20 17.69
C LYS B 90 9.58 5.23 16.37
N LEU B 91 8.24 5.24 16.44
CA LEU B 91 7.42 5.26 15.24
C LEU B 91 7.56 6.58 14.48
N ILE B 92 7.66 7.70 15.21
CA ILE B 92 7.85 9.00 14.57
C ILE B 92 9.13 9.01 13.75
N LYS B 93 10.21 8.44 14.31
CA LYS B 93 11.49 8.44 13.62
C LYS B 93 11.50 7.47 12.44
N GLU B 94 10.88 6.29 12.61
CA GLU B 94 10.86 5.33 11.51
C GLU B 94 9.97 5.82 10.37
N THR B 95 8.88 6.53 10.69
CA THR B 95 8.07 7.13 9.64
C THR B 95 8.83 8.26 8.95
N ALA B 96 9.47 9.13 9.72
CA ALA B 96 10.22 10.23 9.13
C ALA B 96 11.35 9.74 8.25
N ARG B 97 12.01 8.65 8.66
CA ARG B 97 13.07 8.08 7.85
C ARG B 97 12.52 7.47 6.57
N GLU B 98 11.37 6.82 6.64
CA GLU B 98 10.79 6.18 5.46
C GLU B 98 10.25 7.21 4.48
N ILE B 99 9.58 8.25 4.98
CA ILE B 99 8.99 9.26 4.11
C ILE B 99 10.08 9.96 3.31
N GLU B 100 11.11 10.45 4.00
CA GLU B 100 12.14 11.25 3.34
C GLU B 100 12.88 10.44 2.29
N LEU B 101 13.23 9.19 2.60
CA LEU B 101 13.89 8.32 1.63
C LEU B 101 13.00 8.06 0.42
N VAL B 102 11.69 7.94 0.64
CA VAL B 102 10.74 7.85 -0.46
C VAL B 102 10.62 9.20 -1.17
N PHE B 103 10.56 10.28 -0.40
CA PHE B 103 10.41 11.63 -0.97
C PHE B 103 11.59 11.97 -1.88
N THR B 104 12.80 11.57 -1.51
CA THR B 104 13.98 11.75 -2.35
C THR B 104 14.25 10.55 -3.25
N HIS B 105 13.34 9.56 -3.28
CA HIS B 105 13.32 8.50 -4.29
C HIS B 105 14.45 7.47 -4.13
N GLN B 106 14.80 7.14 -2.89
CA GLN B 106 15.70 6.00 -2.70
C GLN B 106 14.95 4.71 -2.41
N LYS B 107 13.68 4.80 -2.02
CA LYS B 107 12.77 3.66 -1.99
C LYS B 107 11.56 4.05 -2.83
#